data_7M7K
#
_entry.id   7M7K
#
_cell.length_a   84.262
_cell.length_b   84.262
_cell.length_c   121.694
_cell.angle_alpha   90.000
_cell.angle_beta   90.000
_cell.angle_gamma   90.000
#
_symmetry.space_group_name_H-M   'P 41 21 2'
#
loop_
_entity.id
_entity.type
_entity.pdbx_description
1 polymer 'Pyrimidine-nucleoside phosphorylase'
2 non-polymer 'SULFATE ION'
3 non-polymer URIDINE
4 water water
#
_entity_poly.entity_id   1
_entity_poly.type   'polypeptide(L)'
_entity_poly.pdbx_seq_one_letter_code
;MGHHHHHHVDLIAKKRDGYELSKEEIDFIIRGYTNGDIPDYQMSAFAMAVFFRGMTEEETAALTMAMVRSGDVIDLSKIE
GMKVDKHSTGGVGDTTTLVLGPLVASVGVPVAKMSGRGLGHTGGTIDKLESVPGFHVEIDNEQFIELVNKNKIAIIGQTG
NLTPADKKLYALRDVTATVDSIPLIASSIMSKKIAAGADAIVLDVKTGAGAFMKDFAGAKRLATAMVEIGKRVGRKTMAV
ISDMSQPLGYAVGNALEVKEAIDTLKGKGPEDLQELCLTLGSYMVYLAEKASSLEEARALLEASIREGKALETFKVFLSA
QGGDASVVDDPTKLPQAKYRWELEAPEDGYVAEIVADEVGTAAMLLGAGRATKEATIDLSVGLVLHKKVGDAVKKGESLV
TIYSNTENIEEVKQKLAKSIRLSSIPVAKPTLIYETIS
;
_entity_poly.pdbx_strand_id   B
#
# COMPACT_ATOMS: atom_id res chain seq x y z
N HIS A 7 27.36 -14.75 27.11
CA HIS A 7 27.17 -13.32 26.86
C HIS A 7 26.48 -13.13 25.51
N HIS A 8 25.51 -12.19 25.48
CA HIS A 8 24.71 -11.93 24.28
C HIS A 8 25.56 -11.62 23.05
N VAL A 9 26.80 -11.16 23.25
CA VAL A 9 27.68 -10.84 22.13
C VAL A 9 27.79 -12.02 21.18
N ASP A 10 27.73 -13.24 21.72
CA ASP A 10 27.88 -14.42 20.87
C ASP A 10 26.84 -14.44 19.76
N LEU A 11 25.63 -13.98 20.06
CA LEU A 11 24.58 -13.95 19.04
C LEU A 11 24.97 -13.03 17.89
N ILE A 12 25.57 -11.89 18.22
CA ILE A 12 26.06 -11.00 17.17
C ILE A 12 27.16 -11.69 16.38
N ALA A 13 28.13 -12.28 17.09
CA ALA A 13 29.30 -12.85 16.41
C ALA A 13 28.87 -13.94 15.45
N LYS A 14 27.91 -14.76 15.89
CA LYS A 14 27.47 -15.89 15.09
C LYS A 14 26.93 -15.41 13.76
N LYS A 15 26.09 -14.37 13.79
CA LYS A 15 25.53 -13.86 12.55
C LYS A 15 26.63 -13.19 11.73
N ARG A 16 27.51 -12.46 12.41
CA ARG A 16 28.60 -11.80 11.70
C ARG A 16 29.44 -12.81 10.92
N ASP A 17 29.66 -13.98 11.51
CA ASP A 17 30.47 -15.00 10.87
C ASP A 17 29.71 -15.79 9.82
N GLY A 18 28.46 -15.44 9.53
CA GLY A 18 27.69 -16.08 8.49
C GLY A 18 26.88 -17.30 8.89
N TYR A 19 26.77 -17.59 10.18
CA TYR A 19 26.08 -18.80 10.60
C TYR A 19 24.59 -18.53 10.80
N GLU A 20 23.81 -19.59 10.70
CA GLU A 20 22.37 -19.52 10.84
C GLU A 20 21.98 -19.58 12.31
N LEU A 21 21.24 -18.57 12.78
CA LEU A 21 20.71 -18.63 14.13
C LEU A 21 19.62 -19.68 14.20
N SER A 22 19.50 -20.32 15.35
CA SER A 22 18.42 -21.25 15.56
C SER A 22 17.13 -20.51 15.90
N LYS A 23 16.02 -21.22 15.83
CA LYS A 23 14.76 -20.65 16.29
C LYS A 23 14.87 -20.17 17.74
N GLU A 24 15.48 -20.98 18.60
CA GLU A 24 15.62 -20.60 20.00
C GLU A 24 16.38 -19.29 20.14
N GLU A 25 17.43 -19.12 19.34
CA GLU A 25 18.25 -17.91 19.43
C GLU A 25 17.51 -16.69 18.92
N ILE A 26 16.80 -16.82 17.80
CA ILE A 26 15.98 -15.72 17.29
C ILE A 26 14.92 -15.33 18.31
N ASP A 27 14.22 -16.32 18.87
CA ASP A 27 13.21 -16.03 19.88
C ASP A 27 13.83 -15.29 21.05
N PHE A 28 15.00 -15.76 21.51
CA PHE A 28 15.66 -15.15 22.65
C PHE A 28 16.05 -13.70 22.37
N ILE A 29 16.65 -13.45 21.21
CA ILE A 29 17.12 -12.09 20.92
C ILE A 29 15.95 -11.14 20.76
N ILE A 30 14.87 -11.56 20.09
CA ILE A 30 13.73 -10.67 19.92
C ILE A 30 13.06 -10.39 21.27
N ARG A 31 12.87 -11.43 22.09
CA ARG A 31 12.25 -11.23 23.40
C ARG A 31 13.08 -10.31 24.29
N GLY A 32 14.40 -10.52 24.31
CA GLY A 32 15.25 -9.69 25.14
C GLY A 32 15.36 -8.25 24.65
N TYR A 33 15.47 -8.06 23.33
CA TYR A 33 15.45 -6.70 22.79
C TYR A 33 14.12 -6.01 23.12
N THR A 34 13.01 -6.70 22.88
CA THR A 34 11.69 -6.14 23.15
C THR A 34 11.58 -5.68 24.59
N ASN A 35 12.06 -6.49 25.52
CA ASN A 35 11.88 -6.15 26.93
C ASN A 35 12.95 -5.23 27.47
N GLY A 36 14.07 -5.05 26.76
CA GLY A 36 15.15 -4.19 27.21
C GLY A 36 16.37 -4.90 27.72
N ASP A 37 16.34 -6.23 27.81
CA ASP A 37 17.50 -6.97 28.27
C ASP A 37 18.68 -6.83 27.32
N ILE A 38 18.41 -6.71 26.01
CA ILE A 38 19.45 -6.60 24.99
C ILE A 38 19.47 -5.14 24.53
N PRO A 39 20.53 -4.38 24.81
CA PRO A 39 20.50 -2.94 24.53
C PRO A 39 20.55 -2.64 23.03
N ASP A 40 20.15 -1.41 22.71
CA ASP A 40 20.04 -1.01 21.31
C ASP A 40 21.36 -1.17 20.55
N TYR A 41 22.52 -0.97 21.21
CA TYR A 41 23.76 -1.01 20.45
C TYR A 41 24.13 -2.44 20.04
N GLN A 42 23.67 -3.43 20.81
CA GLN A 42 23.86 -4.82 20.40
C GLN A 42 22.87 -5.21 19.31
N MET A 43 21.63 -4.75 19.43
CA MET A 43 20.65 -5.04 18.37
C MET A 43 21.06 -4.40 17.04
N SER A 44 21.67 -3.21 17.09
CA SER A 44 22.03 -2.54 15.85
C SER A 44 23.26 -3.20 15.21
N ALA A 45 24.22 -3.62 16.03
CA ALA A 45 25.30 -4.43 15.49
C ALA A 45 24.77 -5.72 14.87
N PHE A 46 23.79 -6.36 15.53
CA PHE A 46 23.19 -7.57 14.98
C PHE A 46 22.51 -7.29 13.64
N ALA A 47 21.73 -6.19 13.56
CA ALA A 47 21.04 -5.85 12.32
C ALA A 47 22.02 -5.58 11.19
N MET A 48 23.14 -4.92 11.48
CA MET A 48 24.14 -4.68 10.43
C MET A 48 24.78 -5.98 9.97
N ALA A 49 25.03 -6.90 10.91
CA ALA A 49 25.53 -8.22 10.52
C ALA A 49 24.54 -8.94 9.62
N VAL A 50 23.24 -8.80 9.90
CA VAL A 50 22.21 -9.36 9.02
C VAL A 50 22.25 -8.68 7.66
N PHE A 51 22.41 -7.36 7.64
CA PHE A 51 22.50 -6.65 6.37
C PHE A 51 23.55 -7.30 5.47
N PHE A 52 24.71 -7.65 6.05
CA PHE A 52 25.79 -8.24 5.24
C PHE A 52 25.65 -9.74 5.01
N ARG A 53 25.13 -10.50 5.96
CA ARG A 53 25.15 -11.95 5.87
C ARG A 53 23.79 -12.57 5.63
N GLY A 54 22.71 -11.81 5.77
CA GLY A 54 21.38 -12.32 5.50
C GLY A 54 20.89 -13.37 6.48
N MET A 55 19.78 -13.99 6.08
CA MET A 55 19.12 -15.05 6.84
C MET A 55 18.52 -16.09 5.90
N THR A 56 18.51 -17.33 6.35
CA THR A 56 17.82 -18.39 5.63
C THR A 56 16.31 -18.21 5.71
N GLU A 57 15.59 -19.05 4.95
CA GLU A 57 14.13 -19.02 5.02
C GLU A 57 13.62 -19.41 6.41
N GLU A 58 14.24 -20.41 7.03
CA GLU A 58 13.83 -20.80 8.37
C GLU A 58 14.07 -19.69 9.38
N GLU A 59 15.22 -19.01 9.27
CA GLU A 59 15.50 -17.89 10.15
C GLU A 59 14.47 -16.79 9.97
N THR A 60 14.16 -16.45 8.72
CA THR A 60 13.26 -15.34 8.45
C THR A 60 11.87 -15.63 8.99
N ALA A 61 11.39 -16.87 8.81
CA ALA A 61 10.09 -17.24 9.37
C ALA A 61 10.12 -17.20 10.91
N ALA A 62 11.19 -17.70 11.52
CA ALA A 62 11.29 -17.62 12.97
C ALA A 62 11.25 -16.16 13.44
N LEU A 63 11.97 -15.28 12.74
CA LEU A 63 11.98 -13.86 13.10
C LEU A 63 10.58 -13.26 12.99
N THR A 64 9.87 -13.58 11.89
CA THR A 64 8.51 -13.10 11.71
C THR A 64 7.63 -13.50 12.90
N MET A 65 7.66 -14.77 13.26
CA MET A 65 6.77 -15.23 14.32
C MET A 65 7.20 -14.73 15.68
N ALA A 66 8.51 -14.54 15.92
CA ALA A 66 8.93 -13.94 17.17
C ALA A 66 8.39 -12.51 17.29
N MET A 67 8.34 -11.78 16.18
CA MET A 67 7.80 -10.43 16.26
C MET A 67 6.28 -10.46 16.44
N VAL A 68 5.59 -11.41 15.80
CA VAL A 68 4.16 -11.58 16.05
C VAL A 68 3.90 -11.86 17.52
N ARG A 69 4.67 -12.78 18.10
CA ARG A 69 4.45 -13.20 19.47
C ARG A 69 4.79 -12.11 20.48
N SER A 70 5.53 -11.08 20.07
CA SER A 70 5.91 -10.02 21.00
C SER A 70 4.71 -9.21 21.47
N GLY A 71 3.58 -9.31 20.79
CA GLY A 71 2.43 -8.54 21.17
C GLY A 71 1.14 -9.31 21.04
N ASP A 72 0.06 -8.59 20.76
CA ASP A 72 -1.25 -9.21 20.66
C ASP A 72 -1.57 -9.55 19.21
N VAL A 73 -2.50 -10.48 19.05
CA VAL A 73 -2.98 -10.94 17.75
C VAL A 73 -4.47 -10.68 17.70
N ILE A 74 -4.91 -9.97 16.66
CA ILE A 74 -6.32 -9.60 16.55
C ILE A 74 -7.15 -10.85 16.28
N ASP A 75 -8.22 -11.04 17.06
CA ASP A 75 -9.10 -12.21 16.90
C ASP A 75 -10.25 -11.84 15.95
N LEU A 76 -10.23 -12.41 14.73
CA LEU A 76 -11.29 -12.21 13.76
C LEU A 76 -12.19 -13.45 13.59
N SER A 77 -12.23 -14.32 14.60
CA SER A 77 -12.96 -15.57 14.45
C SER A 77 -14.47 -15.36 14.36
N LYS A 78 -14.99 -14.23 14.84
CA LYS A 78 -16.41 -13.95 14.81
C LYS A 78 -16.86 -13.34 13.49
N ILE A 79 -15.91 -13.00 12.63
CA ILE A 79 -16.20 -12.62 11.26
C ILE A 79 -16.17 -13.89 10.44
N GLU A 80 -17.29 -14.18 9.78
CA GLU A 80 -17.42 -15.43 9.04
C GLU A 80 -16.62 -15.37 7.75
N GLY A 81 -15.92 -16.46 7.46
CA GLY A 81 -15.15 -16.60 6.24
C GLY A 81 -13.65 -16.51 6.49
N MET A 82 -12.90 -16.89 5.46
CA MET A 82 -11.47 -16.64 5.45
C MET A 82 -11.22 -15.14 5.41
N LYS A 83 -10.24 -14.69 6.21
CA LYS A 83 -9.81 -13.29 6.20
C LYS A 83 -8.55 -13.19 5.35
N VAL A 84 -8.67 -12.52 4.20
CA VAL A 84 -7.55 -12.27 3.30
C VAL A 84 -7.20 -10.80 3.40
N ASP A 85 -5.90 -10.50 3.50
CA ASP A 85 -5.43 -9.11 3.58
C ASP A 85 -4.48 -8.84 2.43
N LYS A 86 -4.36 -7.57 2.08
CA LYS A 86 -3.50 -7.11 1.01
C LYS A 86 -2.46 -6.16 1.61
N HIS A 87 -1.22 -6.29 1.15
CA HIS A 87 -0.21 -5.29 1.46
C HIS A 87 0.56 -4.90 0.22
N SER A 88 0.76 -3.61 0.04
CA SER A 88 1.65 -3.06 -0.97
C SER A 88 2.69 -2.18 -0.27
N THR A 89 3.93 -2.22 -0.77
CA THR A 89 4.89 -1.18 -0.44
C THR A 89 4.42 0.18 -0.95
N GLY A 90 3.53 0.20 -1.93
CA GLY A 90 2.90 1.43 -2.36
C GLY A 90 3.78 2.28 -3.26
N GLY A 91 3.32 3.51 -3.44
CA GLY A 91 3.96 4.42 -4.37
C GLY A 91 2.98 5.47 -4.83
N VAL A 92 3.47 6.33 -5.71
CA VAL A 92 2.74 7.54 -6.07
C VAL A 92 1.52 7.15 -6.89
N GLY A 93 0.34 7.54 -6.41
CA GLY A 93 -0.89 7.28 -7.10
C GLY A 93 -1.52 5.94 -6.81
N ASP A 94 -1.01 5.17 -5.86
CA ASP A 94 -1.57 3.84 -5.62
C ASP A 94 -2.89 3.99 -4.87
N THR A 95 -4.00 3.92 -5.60
CA THR A 95 -5.34 4.00 -5.06
C THR A 95 -5.95 2.62 -4.83
N THR A 96 -5.15 1.56 -5.00
CA THR A 96 -5.73 0.22 -5.03
C THR A 96 -6.50 -0.09 -3.77
N THR A 97 -6.00 0.33 -2.61
CA THR A 97 -6.69 -0.03 -1.38
C THR A 97 -8.09 0.56 -1.32
N LEU A 98 -8.28 1.77 -1.88
CA LEU A 98 -9.62 2.36 -1.87
C LEU A 98 -10.58 1.59 -2.76
N VAL A 99 -10.08 1.05 -3.87
CA VAL A 99 -10.93 0.35 -4.82
C VAL A 99 -11.16 -1.10 -4.39
N LEU A 100 -10.12 -1.75 -3.87
CA LEU A 100 -10.12 -3.19 -3.74
C LEU A 100 -11.12 -3.66 -2.70
N GLY A 101 -11.27 -2.90 -1.62
CA GLY A 101 -12.19 -3.24 -0.55
C GLY A 101 -13.61 -3.45 -1.04
N PRO A 102 -14.24 -2.39 -1.53
CA PRO A 102 -15.59 -2.56 -2.11
C PRO A 102 -15.62 -3.59 -3.22
N LEU A 103 -14.57 -3.64 -4.03
CA LEU A 103 -14.57 -4.53 -5.19
C LEU A 103 -14.67 -5.99 -4.75
N VAL A 104 -13.78 -6.43 -3.86
CA VAL A 104 -13.83 -7.84 -3.45
C VAL A 104 -14.99 -8.10 -2.50
N ALA A 105 -15.36 -7.13 -1.67
CA ALA A 105 -16.51 -7.32 -0.80
C ALA A 105 -17.78 -7.54 -1.60
N SER A 106 -17.88 -6.93 -2.79
CA SER A 106 -19.11 -7.04 -3.57
C SER A 106 -19.36 -8.46 -4.06
N VAL A 107 -18.34 -9.31 -4.08
CA VAL A 107 -18.50 -10.70 -4.46
C VAL A 107 -18.34 -11.63 -3.26
N GLY A 108 -18.47 -11.09 -2.05
CA GLY A 108 -18.58 -11.90 -0.86
C GLY A 108 -17.32 -12.08 -0.03
N VAL A 109 -16.22 -11.40 -0.39
CA VAL A 109 -14.99 -11.48 0.39
C VAL A 109 -15.08 -10.53 1.57
N PRO A 110 -15.00 -11.03 2.81
CA PRO A 110 -15.09 -10.13 3.97
C PRO A 110 -13.84 -9.27 4.09
N VAL A 111 -14.07 -7.95 4.22
CA VAL A 111 -12.99 -6.97 4.27
C VAL A 111 -13.07 -6.31 5.64
N ALA A 112 -12.27 -6.83 6.56
CA ALA A 112 -12.18 -6.32 7.93
C ALA A 112 -10.94 -5.46 7.99
N LYS A 113 -11.09 -4.19 7.58
CA LYS A 113 -9.94 -3.32 7.36
C LYS A 113 -9.59 -2.61 8.67
N MET A 114 -8.34 -2.80 9.12
CA MET A 114 -7.79 -2.10 10.27
C MET A 114 -6.61 -1.28 9.77
N SER A 115 -6.60 0.01 10.09
CA SER A 115 -5.46 0.82 9.66
C SER A 115 -5.28 2.02 10.57
N GLY A 116 -4.13 2.67 10.41
CA GLY A 116 -3.79 3.82 11.21
C GLY A 116 -3.21 4.92 10.35
N ARG A 117 -3.40 6.16 10.82
CA ARG A 117 -2.97 7.33 10.07
C ARG A 117 -1.46 7.34 9.90
N GLY A 118 -1.00 7.43 8.66
CA GLY A 118 0.42 7.31 8.36
C GLY A 118 1.12 8.66 8.28
N LEU A 119 2.44 8.58 8.15
CA LEU A 119 3.30 9.74 7.96
C LEU A 119 3.84 9.80 6.53
N GLY A 120 3.09 9.22 5.59
CA GLY A 120 3.55 9.06 4.24
C GLY A 120 3.38 10.30 3.38
N HIS A 121 3.55 10.09 2.07
CA HIS A 121 3.58 11.17 1.09
C HIS A 121 2.18 11.62 0.67
N THR A 122 1.15 10.82 0.94
CA THR A 122 -0.23 11.25 0.90
C THR A 122 -0.88 10.83 2.22
N GLY A 123 -2.16 11.12 2.36
CA GLY A 123 -2.89 10.59 3.49
C GLY A 123 -3.02 9.08 3.40
N GLY A 124 -3.26 8.47 4.56
CA GLY A 124 -3.57 7.06 4.61
C GLY A 124 -4.97 6.80 4.06
N THR A 125 -5.38 5.53 4.14
CA THR A 125 -6.74 5.19 3.73
C THR A 125 -7.76 5.98 4.55
N ILE A 126 -7.53 6.15 5.85
CA ILE A 126 -8.49 6.86 6.68
C ILE A 126 -8.52 8.34 6.30
N ASP A 127 -7.34 8.95 6.14
CA ASP A 127 -7.28 10.34 5.71
C ASP A 127 -8.05 10.54 4.42
N LYS A 128 -7.89 9.61 3.47
CA LYS A 128 -8.54 9.75 2.18
C LYS A 128 -10.06 9.60 2.31
N LEU A 129 -10.50 8.55 3.00
CA LEU A 129 -11.94 8.34 3.15
C LEU A 129 -12.61 9.46 3.93
N GLU A 130 -11.86 10.16 4.80
CA GLU A 130 -12.46 11.29 5.51
C GLU A 130 -12.75 12.47 4.60
N SER A 131 -12.27 12.42 3.35
CA SER A 131 -12.74 13.38 2.35
C SER A 131 -14.25 13.32 2.20
N VAL A 132 -14.84 12.16 2.44
CA VAL A 132 -16.27 11.96 2.28
C VAL A 132 -16.97 12.63 3.46
N PRO A 133 -17.84 13.62 3.22
CA PRO A 133 -18.48 14.32 4.33
C PRO A 133 -19.15 13.36 5.30
N GLY A 134 -18.83 13.51 6.58
CA GLY A 134 -19.47 12.75 7.63
C GLY A 134 -18.83 11.42 7.95
N PHE A 135 -17.89 10.96 7.13
CA PHE A 135 -17.28 9.66 7.33
C PHE A 135 -16.25 9.71 8.44
N HIS A 136 -16.40 8.83 9.42
CA HIS A 136 -15.54 8.83 10.59
C HIS A 136 -15.30 7.40 11.02
N VAL A 137 -14.10 7.13 11.52
CA VAL A 137 -13.76 5.80 12.00
C VAL A 137 -13.55 5.85 13.50
N GLU A 138 -14.66 5.84 14.25
CA GLU A 138 -14.63 5.78 15.70
C GLU A 138 -15.72 4.80 16.15
N ILE A 139 -15.56 3.55 15.78
CA ILE A 139 -16.44 2.47 16.18
C ILE A 139 -15.64 1.52 17.06
N ASP A 140 -16.33 0.81 17.93
CA ASP A 140 -15.69 -0.21 18.73
C ASP A 140 -15.68 -1.54 17.96
N ASN A 141 -14.99 -2.53 18.55
CA ASN A 141 -14.77 -3.80 17.87
C ASN A 141 -16.08 -4.54 17.59
N GLU A 142 -17.07 -4.39 18.47
CA GLU A 142 -18.33 -5.09 18.27
C GLU A 142 -19.05 -4.57 17.02
N GLN A 143 -19.17 -3.25 16.90
CA GLN A 143 -19.83 -2.66 15.74
C GLN A 143 -19.05 -2.99 14.47
N PHE A 144 -17.72 -3.03 14.57
CA PHE A 144 -16.87 -3.45 13.46
C PHE A 144 -17.23 -4.84 12.96
N ILE A 145 -17.25 -5.81 13.89
CA ILE A 145 -17.61 -7.18 13.51
C ILE A 145 -19.00 -7.23 12.89
N GLU A 146 -19.95 -6.54 13.52
CA GLU A 146 -21.32 -6.52 13.02
C GLU A 146 -21.37 -6.02 11.60
N LEU A 147 -20.68 -4.92 11.32
CA LEU A 147 -20.76 -4.33 9.98
C LEU A 147 -20.09 -5.24 8.96
N VAL A 148 -19.01 -5.91 9.32
CA VAL A 148 -18.37 -6.79 8.34
C VAL A 148 -19.29 -7.98 8.03
N ASN A 149 -19.92 -8.55 9.06
CA ASN A 149 -20.81 -9.69 8.81
C ASN A 149 -22.06 -9.27 8.06
N LYS A 150 -22.52 -8.02 8.22
CA LYS A 150 -23.70 -7.55 7.50
C LYS A 150 -23.37 -7.15 6.07
N ASN A 151 -22.37 -6.29 5.90
CA ASN A 151 -22.08 -5.65 4.63
C ASN A 151 -20.85 -6.21 3.92
N LYS A 152 -20.07 -7.07 4.58
CA LYS A 152 -18.82 -7.68 4.08
C LYS A 152 -17.67 -6.69 4.04
N ILE A 153 -17.83 -5.51 4.64
CA ILE A 153 -16.73 -4.56 4.69
C ILE A 153 -16.96 -3.58 5.82
N ALA A 154 -15.87 -3.18 6.45
CA ALA A 154 -15.85 -2.07 7.38
C ALA A 154 -14.40 -1.68 7.62
N ILE A 155 -14.23 -0.54 8.27
CA ILE A 155 -12.90 -0.03 8.59
C ILE A 155 -12.88 0.45 10.03
N ILE A 156 -11.77 0.16 10.71
CA ILE A 156 -11.54 0.59 12.08
C ILE A 156 -10.09 1.05 12.18
N GLY A 157 -9.85 1.89 13.19
CA GLY A 157 -8.50 2.34 13.47
C GLY A 157 -7.77 1.33 14.34
N GLN A 158 -6.57 0.95 13.92
CA GLN A 158 -5.80 -0.03 14.67
C GLN A 158 -5.54 0.51 16.08
N THR A 159 -5.93 -0.26 17.08
CA THR A 159 -5.65 0.07 18.47
C THR A 159 -4.89 -1.02 19.21
N GLY A 160 -4.79 -2.22 18.63
CA GLY A 160 -4.10 -3.29 19.31
C GLY A 160 -2.62 -3.03 19.44
N ASN A 161 -2.02 -3.61 20.49
CA ASN A 161 -0.58 -3.58 20.69
C ASN A 161 0.05 -4.66 19.81
N LEU A 162 0.15 -4.37 18.52
CA LEU A 162 0.64 -5.34 17.55
C LEU A 162 2.13 -5.17 17.31
N THR A 163 2.83 -6.30 17.25
CA THR A 163 4.25 -6.39 16.92
C THR A 163 5.05 -5.22 17.50
N PRO A 164 5.00 -5.01 18.82
CA PRO A 164 5.87 -3.98 19.42
C PRO A 164 7.33 -4.17 19.08
N ALA A 165 7.79 -5.43 18.96
CA ALA A 165 9.17 -5.68 18.58
C ALA A 165 9.47 -5.11 17.19
N ASP A 166 8.52 -5.21 16.26
CA ASP A 166 8.74 -4.64 14.94
C ASP A 166 8.76 -3.12 14.98
N LYS A 167 7.84 -2.51 15.73
CA LYS A 167 7.88 -1.06 15.87
C LYS A 167 9.26 -0.62 16.36
N LYS A 168 9.76 -1.28 17.42
CA LYS A 168 11.05 -0.90 17.99
C LYS A 168 12.19 -1.13 17.00
N LEU A 169 12.22 -2.33 16.41
CA LEU A 169 13.34 -2.69 15.54
C LEU A 169 13.32 -1.87 14.26
N TYR A 170 12.15 -1.59 13.71
CA TYR A 170 12.12 -0.79 12.50
C TYR A 170 12.61 0.62 12.78
N ALA A 171 12.22 1.20 13.92
CA ALA A 171 12.75 2.52 14.27
C ALA A 171 14.28 2.49 14.37
N LEU A 172 14.82 1.47 15.05
CA LEU A 172 16.26 1.34 15.16
C LEU A 172 16.92 1.19 13.79
N ARG A 173 16.37 0.28 12.96
CA ARG A 173 16.88 0.12 11.60
C ARG A 173 16.89 1.46 10.88
N ASP A 174 15.86 2.26 11.09
CA ASP A 174 15.76 3.52 10.38
C ASP A 174 16.88 4.48 10.77
N VAL A 175 17.44 4.34 11.98
CA VAL A 175 18.53 5.24 12.36
C VAL A 175 19.91 4.56 12.36
N THR A 176 20.02 3.37 11.78
CA THR A 176 21.31 2.68 11.73
C THR A 176 21.63 2.13 10.34
N ALA A 177 20.93 2.58 9.31
CA ALA A 177 21.20 2.14 7.94
C ALA A 177 21.04 0.63 7.79
N THR A 178 20.06 0.06 8.49
CA THR A 178 19.77 -1.36 8.34
C THR A 178 18.31 -1.61 7.96
N VAL A 179 17.66 -0.63 7.32
CA VAL A 179 16.33 -0.88 6.75
C VAL A 179 16.44 -1.81 5.55
N ASP A 180 17.44 -1.58 4.68
CA ASP A 180 17.51 -2.20 3.36
C ASP A 180 18.11 -3.61 3.47
N SER A 181 17.33 -4.51 4.09
CA SER A 181 17.69 -5.90 4.25
C SER A 181 16.45 -6.75 3.97
N ILE A 182 16.54 -7.64 2.97
CA ILE A 182 15.38 -8.44 2.56
C ILE A 182 14.77 -9.20 3.73
N PRO A 183 15.52 -9.96 4.53
CA PRO A 183 14.88 -10.69 5.63
C PRO A 183 14.22 -9.75 6.64
N LEU A 184 14.81 -8.59 6.89
CA LEU A 184 14.23 -7.68 7.87
C LEU A 184 12.95 -7.04 7.33
N ILE A 185 12.95 -6.69 6.04
CA ILE A 185 11.76 -6.12 5.42
C ILE A 185 10.64 -7.17 5.35
N ALA A 186 10.97 -8.35 4.83
CA ALA A 186 9.99 -9.43 4.69
C ALA A 186 9.35 -9.77 6.02
N SER A 187 10.17 -9.94 7.07
CA SER A 187 9.61 -10.31 8.37
C SER A 187 8.78 -9.17 8.95
N SER A 188 9.21 -7.91 8.79
CA SER A 188 8.43 -6.79 9.30
C SER A 188 7.04 -6.76 8.68
N ILE A 189 6.97 -6.81 7.34
CA ILE A 189 5.68 -6.70 6.65
C ILE A 189 4.78 -7.89 7.02
N MET A 190 5.33 -9.11 6.92
CA MET A 190 4.48 -10.28 7.15
C MET A 190 4.02 -10.35 8.59
N SER A 191 4.90 -10.03 9.55
CA SER A 191 4.51 -10.10 10.95
C SER A 191 3.33 -9.17 11.21
N LYS A 192 3.37 -7.96 10.62
CA LYS A 192 2.24 -7.05 10.84
C LYS A 192 0.94 -7.63 10.29
N LYS A 193 1.01 -8.29 9.12
CA LYS A 193 -0.23 -8.82 8.54
C LYS A 193 -0.76 -10.04 9.31
N ILE A 194 0.15 -10.89 9.80
CA ILE A 194 -0.26 -12.05 10.60
C ILE A 194 -0.85 -11.60 11.93
N ALA A 195 -0.24 -10.61 12.57
CA ALA A 195 -0.77 -10.15 13.86
C ALA A 195 -2.15 -9.52 13.71
N ALA A 196 -2.45 -8.97 12.54
CA ALA A 196 -3.77 -8.41 12.26
C ALA A 196 -4.82 -9.48 11.95
N GLY A 197 -4.44 -10.75 11.96
CA GLY A 197 -5.40 -11.82 11.82
C GLY A 197 -5.63 -12.33 10.41
N ALA A 198 -4.76 -12.03 9.47
CA ALA A 198 -4.93 -12.56 8.13
C ALA A 198 -4.79 -14.07 8.14
N ASP A 199 -5.71 -14.76 7.45
CA ASP A 199 -5.57 -16.17 7.14
C ASP A 199 -4.74 -16.41 5.88
N ALA A 200 -4.72 -15.44 4.98
CA ALA A 200 -4.06 -15.54 3.68
C ALA A 200 -3.72 -14.12 3.28
N ILE A 201 -2.69 -13.96 2.46
CA ILE A 201 -2.11 -12.65 2.20
C ILE A 201 -1.80 -12.48 0.71
N VAL A 202 -2.23 -11.35 0.15
CA VAL A 202 -1.88 -10.98 -1.23
C VAL A 202 -0.96 -9.77 -1.16
N LEU A 203 0.17 -9.86 -1.84
CA LEU A 203 1.18 -8.82 -1.82
C LEU A 203 1.34 -8.20 -3.19
N ASP A 204 1.44 -6.88 -3.22
CA ASP A 204 1.76 -6.13 -4.42
C ASP A 204 3.15 -5.57 -4.19
N VAL A 205 4.17 -6.23 -4.75
CA VAL A 205 5.55 -5.80 -4.61
C VAL A 205 5.89 -4.95 -5.83
N LYS A 206 6.21 -3.69 -5.58
CA LYS A 206 6.45 -2.74 -6.64
C LYS A 206 7.90 -2.86 -7.12
N THR A 207 8.10 -2.48 -8.38
CA THR A 207 9.43 -2.46 -8.96
C THR A 207 9.57 -1.24 -9.85
N GLY A 208 10.81 -0.82 -10.06
CA GLY A 208 11.10 0.37 -10.83
C GLY A 208 11.46 1.53 -9.93
N ALA A 209 11.73 2.68 -10.57
CA ALA A 209 12.36 3.78 -9.88
C ALA A 209 11.47 4.38 -8.79
N GLY A 210 10.16 4.22 -8.89
CA GLY A 210 9.24 4.69 -7.88
C GLY A 210 8.94 3.70 -6.78
N ALA A 211 9.68 2.60 -6.69
CA ALA A 211 9.36 1.51 -5.78
C ALA A 211 10.36 1.42 -4.62
N PHE A 212 9.99 0.63 -3.62
CA PHE A 212 10.86 0.40 -2.47
C PHE A 212 12.16 -0.28 -2.90
N MET A 213 12.03 -1.43 -3.56
CA MET A 213 13.17 -2.12 -4.17
C MET A 213 13.43 -1.49 -5.53
N LYS A 214 14.62 -0.95 -5.75
CA LYS A 214 14.86 -0.12 -6.91
C LYS A 214 15.34 -0.90 -8.14
N ASP A 215 15.31 -2.24 -8.10
CA ASP A 215 15.60 -3.03 -9.29
C ASP A 215 14.79 -4.31 -9.25
N PHE A 216 14.55 -4.88 -10.42
CA PHE A 216 13.59 -5.98 -10.51
C PHE A 216 14.07 -7.19 -9.72
N ALA A 217 15.37 -7.50 -9.79
CA ALA A 217 15.89 -8.64 -9.05
C ALA A 217 15.55 -8.55 -7.56
N GLY A 218 15.71 -7.36 -6.98
CA GLY A 218 15.45 -7.20 -5.57
C GLY A 218 13.98 -7.34 -5.25
N ALA A 219 13.13 -6.72 -6.06
CA ALA A 219 11.69 -6.90 -5.93
C ALA A 219 11.33 -8.38 -5.94
N LYS A 220 11.91 -9.15 -6.87
CA LYS A 220 11.60 -10.57 -6.94
C LYS A 220 12.08 -11.31 -5.70
N ARG A 221 13.28 -10.96 -5.20
CA ARG A 221 13.79 -11.62 -4.00
C ARG A 221 12.91 -11.32 -2.78
N LEU A 222 12.46 -10.07 -2.65
CA LEU A 222 11.57 -9.72 -1.54
C LEU A 222 10.26 -10.51 -1.64
N ALA A 223 9.66 -10.52 -2.84
CA ALA A 223 8.40 -11.24 -3.01
C ALA A 223 8.57 -12.71 -2.67
N THR A 224 9.64 -13.33 -3.16
CA THR A 224 9.91 -14.73 -2.87
C THR A 224 10.05 -14.95 -1.37
N ALA A 225 10.79 -14.06 -0.69
CA ALA A 225 11.01 -14.22 0.74
C ALA A 225 9.68 -14.21 1.50
N MET A 226 8.79 -13.29 1.14
CA MET A 226 7.50 -13.20 1.85
C MET A 226 6.60 -14.38 1.54
N VAL A 227 6.53 -14.80 0.28
CA VAL A 227 5.77 -16.02 -0.02
C VAL A 227 6.30 -17.24 0.76
N GLU A 228 7.61 -17.41 0.87
CA GLU A 228 8.16 -18.51 1.67
C GLU A 228 7.82 -18.39 3.17
N ILE A 229 7.95 -17.20 3.74
CA ILE A 229 7.45 -17.05 5.10
C ILE A 229 6.03 -17.62 5.20
N GLY A 230 5.15 -17.16 4.32
CA GLY A 230 3.76 -17.61 4.39
C GLY A 230 3.62 -19.11 4.26
N LYS A 231 4.39 -19.71 3.36
CA LYS A 231 4.40 -21.18 3.28
C LYS A 231 4.78 -21.85 4.61
N ARG A 232 5.71 -21.29 5.35
CA ARG A 232 6.15 -21.94 6.58
C ARG A 232 5.29 -21.62 7.81
N VAL A 233 4.61 -20.47 7.85
CA VAL A 233 3.83 -20.16 9.02
C VAL A 233 2.36 -20.52 8.81
N GLY A 234 2.04 -21.22 7.71
CA GLY A 234 0.67 -21.65 7.48
C GLY A 234 -0.31 -20.58 7.06
N ARG A 235 0.17 -19.51 6.42
CA ARG A 235 -0.71 -18.46 5.89
C ARG A 235 -0.42 -18.33 4.40
N LYS A 236 -1.26 -18.91 3.55
CA LYS A 236 -0.98 -18.91 2.13
C LYS A 236 -0.82 -17.48 1.61
N THR A 237 0.27 -17.24 0.91
CA THR A 237 0.67 -15.90 0.47
C THR A 237 1.00 -15.94 -1.02
N MET A 238 0.48 -14.98 -1.77
CA MET A 238 0.77 -14.85 -3.19
C MET A 238 1.21 -13.42 -3.44
N ALA A 239 2.16 -13.23 -4.33
CA ALA A 239 2.72 -11.91 -4.59
C ALA A 239 2.67 -11.62 -6.08
N VAL A 240 2.24 -10.42 -6.43
CA VAL A 240 2.32 -9.90 -7.79
C VAL A 240 3.42 -8.84 -7.79
N ILE A 241 4.31 -8.90 -8.78
CA ILE A 241 5.31 -7.86 -8.98
C ILE A 241 4.77 -6.89 -10.03
N SER A 242 4.59 -5.63 -9.65
CA SER A 242 3.98 -4.65 -10.55
C SER A 242 4.85 -3.40 -10.66
N ASP A 243 4.56 -2.61 -11.69
CA ASP A 243 5.43 -1.54 -12.14
C ASP A 243 5.10 -0.22 -11.43
N MET A 244 6.14 0.41 -10.89
CA MET A 244 6.09 1.77 -10.36
C MET A 244 7.14 2.66 -11.02
N SER A 245 7.48 2.39 -12.28
CA SER A 245 8.40 3.26 -12.99
C SER A 245 7.80 4.64 -13.22
N GLN A 246 6.48 4.75 -13.21
CA GLN A 246 5.71 5.97 -13.30
C GLN A 246 4.62 5.92 -12.25
N PRO A 247 4.03 7.05 -11.91
CA PRO A 247 2.85 7.01 -11.02
C PRO A 247 1.74 6.16 -11.61
N LEU A 248 0.98 5.52 -10.72
CA LEU A 248 -0.20 4.75 -11.10
C LEU A 248 -1.40 5.69 -11.30
N GLY A 249 -2.19 5.42 -12.33
CA GLY A 249 -3.37 6.22 -12.59
C GLY A 249 -3.02 7.66 -12.90
N TYR A 250 -3.92 8.57 -12.51
CA TYR A 250 -3.77 9.99 -12.80
C TYR A 250 -3.66 10.84 -11.54
N ALA A 251 -4.50 10.58 -10.55
CA ALA A 251 -4.61 11.44 -9.39
C ALA A 251 -3.60 11.08 -8.31
N VAL A 252 -3.02 12.13 -7.72
CA VAL A 252 -2.15 12.02 -6.56
C VAL A 252 -2.66 13.02 -5.53
N GLY A 253 -3.10 12.51 -4.39
CA GLY A 253 -3.66 13.38 -3.36
C GLY A 253 -4.55 12.62 -2.41
N ASN A 254 -5.67 13.22 -2.02
CA ASN A 254 -6.60 12.61 -1.08
C ASN A 254 -7.99 12.60 -1.68
N ALA A 255 -8.71 13.72 -1.58
CA ALA A 255 -10.00 13.82 -2.26
C ALA A 255 -9.89 13.42 -3.75
N LEU A 256 -8.81 13.84 -4.40
CA LEU A 256 -8.64 13.54 -5.82
C LEU A 256 -8.51 12.04 -6.08
N GLU A 257 -7.86 11.31 -5.17
CA GLU A 257 -7.75 9.87 -5.37
C GLU A 257 -9.05 9.14 -5.03
N VAL A 258 -9.85 9.69 -4.11
CA VAL A 258 -11.19 9.14 -3.88
C VAL A 258 -12.05 9.30 -5.12
N LYS A 259 -12.02 10.49 -5.72
CA LYS A 259 -12.79 10.70 -6.95
C LYS A 259 -12.34 9.71 -8.02
N GLU A 260 -11.03 9.49 -8.15
CA GLU A 260 -10.57 8.53 -9.15
C GLU A 260 -11.00 7.09 -8.81
N ALA A 261 -10.97 6.74 -7.53
CA ALA A 261 -11.41 5.41 -7.12
C ALA A 261 -12.88 5.20 -7.47
N ILE A 262 -13.69 6.24 -7.31
CA ILE A 262 -15.09 6.17 -7.69
C ILE A 262 -15.19 5.90 -9.20
N ASP A 263 -14.43 6.66 -10.00
CA ASP A 263 -14.37 6.38 -11.43
C ASP A 263 -14.04 4.90 -11.69
N THR A 264 -13.03 4.39 -10.99
CA THR A 264 -12.57 3.03 -11.26
C THR A 264 -13.64 2.01 -10.90
N LEU A 265 -14.36 2.23 -9.80
CA LEU A 265 -15.42 1.32 -9.40
C LEU A 265 -16.55 1.30 -10.41
N LYS A 266 -16.69 2.37 -11.20
CA LYS A 266 -17.68 2.44 -12.25
C LYS A 266 -17.18 1.90 -13.58
N GLY A 267 -15.97 1.34 -13.61
CA GLY A 267 -15.40 0.83 -14.84
C GLY A 267 -14.89 1.88 -15.80
N LYS A 268 -14.74 3.14 -15.37
CA LYS A 268 -14.19 4.17 -16.24
C LYS A 268 -12.96 4.85 -15.65
N GLY A 269 -12.19 4.12 -14.85
CA GLY A 269 -10.98 4.69 -14.30
C GLY A 269 -9.80 4.57 -15.23
N PRO A 270 -8.62 4.92 -14.74
CA PRO A 270 -7.40 4.69 -15.53
C PRO A 270 -7.23 3.21 -15.82
N GLU A 271 -6.70 2.92 -17.02
CA GLU A 271 -6.53 1.54 -17.46
C GLU A 271 -5.57 0.77 -16.56
N ASP A 272 -4.48 1.41 -16.13
CA ASP A 272 -3.49 0.69 -15.34
C ASP A 272 -4.08 0.30 -13.97
N LEU A 273 -4.73 1.25 -13.30
CA LEU A 273 -5.34 0.98 -12.00
C LEU A 273 -6.45 -0.07 -12.12
N GLN A 274 -7.21 -0.04 -13.21
CA GLN A 274 -8.24 -1.05 -13.38
C GLN A 274 -7.61 -2.43 -13.47
N GLU A 275 -6.58 -2.58 -14.31
CA GLU A 275 -5.94 -3.87 -14.48
C GLU A 275 -5.29 -4.34 -13.18
N LEU A 276 -4.65 -3.42 -12.45
CA LEU A 276 -4.02 -3.82 -11.19
C LEU A 276 -5.05 -4.27 -10.17
N CYS A 277 -6.17 -3.55 -10.07
CA CYS A 277 -7.17 -3.92 -9.08
C CYS A 277 -7.85 -5.24 -9.45
N LEU A 278 -8.08 -5.48 -10.74
CA LEU A 278 -8.65 -6.76 -11.16
C LEU A 278 -7.69 -7.89 -10.85
N THR A 279 -6.39 -7.68 -11.07
CA THR A 279 -5.41 -8.74 -10.80
C THR A 279 -5.32 -9.05 -9.30
N LEU A 280 -4.98 -8.03 -8.50
CA LEU A 280 -4.90 -8.25 -7.06
C LEU A 280 -6.20 -8.81 -6.51
N GLY A 281 -7.34 -8.28 -6.95
CA GLY A 281 -8.61 -8.74 -6.42
C GLY A 281 -8.93 -10.17 -6.80
N SER A 282 -8.54 -10.61 -8.00
CA SER A 282 -8.77 -12.00 -8.36
C SER A 282 -8.01 -12.91 -7.40
N TYR A 283 -6.76 -12.55 -7.07
CA TYR A 283 -6.04 -13.37 -6.08
C TYR A 283 -6.73 -13.33 -4.72
N MET A 284 -7.23 -12.16 -4.31
CA MET A 284 -7.88 -12.07 -3.01
C MET A 284 -9.14 -12.93 -2.94
N VAL A 285 -9.94 -12.89 -4.01
CA VAL A 285 -11.18 -13.66 -4.08
C VAL A 285 -10.88 -15.15 -4.05
N TYR A 286 -9.88 -15.58 -4.83
CA TYR A 286 -9.52 -17.00 -4.85
C TYR A 286 -9.01 -17.47 -3.50
N LEU A 287 -8.05 -16.74 -2.92
CA LEU A 287 -7.51 -17.13 -1.62
C LEU A 287 -8.57 -17.13 -0.54
N ALA A 288 -9.57 -16.25 -0.64
CA ALA A 288 -10.67 -16.24 0.32
C ALA A 288 -11.65 -17.39 0.09
N GLU A 289 -11.43 -18.18 -0.96
CA GLU A 289 -12.30 -19.30 -1.29
C GLU A 289 -13.73 -18.83 -1.62
N LYS A 290 -13.84 -17.66 -2.23
CA LYS A 290 -15.11 -17.17 -2.77
C LYS A 290 -15.16 -17.33 -4.28
N ALA A 291 -14.22 -18.08 -4.85
CA ALA A 291 -14.25 -18.49 -6.24
C ALA A 291 -13.44 -19.77 -6.32
N SER A 292 -13.75 -20.60 -7.32
CA SER A 292 -13.06 -21.88 -7.47
C SER A 292 -11.74 -21.78 -8.21
N SER A 293 -11.45 -20.64 -8.84
CA SER A 293 -10.21 -20.48 -9.60
C SER A 293 -9.97 -18.99 -9.82
N LEU A 294 -8.73 -18.66 -10.19
CA LEU A 294 -8.40 -17.27 -10.49
C LEU A 294 -9.18 -16.75 -11.68
N GLU A 295 -9.44 -17.61 -12.67
CA GLU A 295 -10.20 -17.19 -13.84
C GLU A 295 -11.65 -16.84 -13.45
N GLU A 296 -12.27 -17.70 -12.64
CA GLU A 296 -13.63 -17.43 -12.19
C GLU A 296 -13.67 -16.16 -11.34
N ALA A 297 -12.67 -16.00 -10.46
CA ALA A 297 -12.61 -14.80 -9.63
C ALA A 297 -12.53 -13.54 -10.48
N ARG A 298 -11.65 -13.55 -11.49
CA ARG A 298 -11.54 -12.40 -12.38
C ARG A 298 -12.86 -12.11 -13.07
N ALA A 299 -13.52 -13.16 -13.58
CA ALA A 299 -14.80 -12.95 -14.27
C ALA A 299 -15.84 -12.34 -13.34
N LEU A 300 -15.88 -12.82 -12.10
CA LEU A 300 -16.84 -12.29 -11.14
C LEU A 300 -16.58 -10.81 -10.87
N LEU A 301 -15.31 -10.41 -10.77
CA LEU A 301 -15.02 -9.01 -10.49
C LEU A 301 -15.32 -8.11 -11.70
N GLU A 302 -15.00 -8.59 -12.91
CA GLU A 302 -15.37 -7.80 -14.10
C GLU A 302 -16.87 -7.62 -14.17
N ALA A 303 -17.63 -8.66 -13.83
CA ALA A 303 -19.08 -8.56 -13.85
C ALA A 303 -19.58 -7.60 -12.77
N SER A 304 -19.03 -7.71 -11.55
CA SER A 304 -19.44 -6.80 -10.48
C SER A 304 -19.20 -5.34 -10.87
N ILE A 305 -18.07 -5.06 -11.51
CA ILE A 305 -17.81 -3.70 -11.96
C ILE A 305 -18.85 -3.28 -12.99
N ARG A 306 -18.99 -4.06 -14.06
CA ARG A 306 -19.84 -3.60 -15.16
C ARG A 306 -21.30 -3.48 -14.74
N GLU A 307 -21.77 -4.34 -13.83
CA GLU A 307 -23.15 -4.31 -13.39
C GLU A 307 -23.40 -3.30 -12.26
N GLY A 308 -22.37 -2.60 -11.79
CA GLY A 308 -22.54 -1.58 -10.77
C GLY A 308 -22.57 -2.06 -9.33
N LYS A 309 -22.28 -3.33 -9.09
CA LYS A 309 -22.38 -3.86 -7.73
C LYS A 309 -21.22 -3.41 -6.83
N ALA A 310 -19.99 -3.33 -7.37
CA ALA A 310 -18.87 -2.84 -6.56
C ALA A 310 -19.12 -1.41 -6.09
N LEU A 311 -19.74 -0.58 -6.94
CA LEU A 311 -20.04 0.79 -6.57
C LEU A 311 -21.09 0.85 -5.46
N GLU A 312 -22.15 0.06 -5.60
CA GLU A 312 -23.16 0.02 -4.54
C GLU A 312 -22.54 -0.44 -3.23
N THR A 313 -21.61 -1.40 -3.30
CA THR A 313 -20.92 -1.82 -2.09
C THR A 313 -20.18 -0.66 -1.46
N PHE A 314 -19.48 0.14 -2.28
CA PHE A 314 -18.80 1.32 -1.75
C PHE A 314 -19.80 2.28 -1.08
N LYS A 315 -20.97 2.47 -1.70
CA LYS A 315 -21.99 3.33 -1.09
C LYS A 315 -22.44 2.81 0.28
N VAL A 316 -22.67 1.50 0.37
CA VAL A 316 -23.04 0.88 1.65
C VAL A 316 -21.96 1.15 2.69
N PHE A 317 -20.71 0.88 2.31
CA PHE A 317 -19.57 1.09 3.20
C PHE A 317 -19.51 2.51 3.71
N LEU A 318 -19.61 3.49 2.81
CA LEU A 318 -19.54 4.89 3.23
C LEU A 318 -20.67 5.22 4.18
N SER A 319 -21.91 4.88 3.80
CA SER A 319 -23.07 5.28 4.58
C SER A 319 -23.06 4.65 5.97
N ALA A 320 -22.58 3.41 6.08
CA ALA A 320 -22.68 2.69 7.35
C ALA A 320 -21.85 3.35 8.44
N GLN A 321 -20.82 4.11 8.08
CA GLN A 321 -19.98 4.78 9.06
C GLN A 321 -20.04 6.29 8.90
N GLY A 322 -21.21 6.81 8.56
CA GLY A 322 -21.50 8.23 8.63
C GLY A 322 -21.31 9.02 7.36
N GLY A 323 -20.71 8.44 6.33
CA GLY A 323 -20.38 9.20 5.13
C GLY A 323 -21.60 9.47 4.26
N ASP A 324 -21.50 10.55 3.49
CA ASP A 324 -22.53 10.92 2.52
C ASP A 324 -22.25 10.17 1.22
N ALA A 325 -22.97 9.06 1.01
CA ALA A 325 -22.69 8.24 -0.18
C ALA A 325 -22.98 8.98 -1.47
N SER A 326 -23.72 10.09 -1.43
CA SER A 326 -24.01 10.82 -2.65
C SER A 326 -22.76 11.35 -3.34
N VAL A 327 -21.59 11.31 -2.69
CA VAL A 327 -20.37 11.70 -3.36
C VAL A 327 -20.14 10.85 -4.61
N VAL A 328 -20.75 9.66 -4.63
CA VAL A 328 -20.60 8.78 -5.79
C VAL A 328 -21.29 9.35 -7.01
N ASP A 329 -22.40 10.04 -6.81
CA ASP A 329 -23.11 10.71 -7.89
C ASP A 329 -22.60 12.13 -8.11
N ASP A 330 -22.12 12.78 -7.06
CA ASP A 330 -21.72 14.19 -7.09
C ASP A 330 -20.38 14.36 -6.37
N PRO A 331 -19.27 14.12 -7.07
CA PRO A 331 -17.95 14.25 -6.44
C PRO A 331 -17.61 15.65 -5.99
N THR A 332 -18.37 16.69 -6.37
CA THR A 332 -18.06 18.02 -5.86
C THR A 332 -18.29 18.13 -4.36
N LYS A 333 -18.94 17.14 -3.74
CA LYS A 333 -19.08 17.13 -2.29
C LYS A 333 -17.79 16.75 -1.57
N LEU A 334 -16.79 16.25 -2.28
CA LEU A 334 -15.44 16.13 -1.74
C LEU A 334 -14.79 17.51 -1.64
N PRO A 335 -13.85 17.68 -0.71
CA PRO A 335 -13.20 19.00 -0.56
C PRO A 335 -12.62 19.47 -1.89
N GLN A 336 -12.95 20.70 -2.25
CA GLN A 336 -12.56 21.28 -3.53
C GLN A 336 -11.40 22.26 -3.34
N ALA A 337 -10.46 22.23 -4.28
CA ALA A 337 -9.27 23.09 -4.21
C ALA A 337 -9.60 24.50 -4.66
N LYS A 338 -8.98 25.48 -3.99
CA LYS A 338 -9.23 26.87 -4.34
C LYS A 338 -8.68 27.25 -5.71
N TYR A 339 -7.61 26.57 -6.17
CA TYR A 339 -6.97 26.94 -7.43
C TYR A 339 -6.60 25.71 -8.25
N ARG A 340 -6.74 25.84 -9.58
CA ARG A 340 -6.32 24.83 -10.53
C ARG A 340 -5.42 25.47 -11.58
N TRP A 341 -4.32 24.79 -11.91
CA TRP A 341 -3.36 25.28 -12.90
C TRP A 341 -3.02 24.17 -13.88
N GLU A 342 -3.00 24.51 -15.17
CA GLU A 342 -2.64 23.59 -16.23
C GLU A 342 -1.18 23.78 -16.57
N LEU A 343 -0.39 22.72 -16.41
CA LEU A 343 1.03 22.76 -16.74
C LEU A 343 1.19 22.30 -18.19
N GLU A 344 1.49 23.23 -19.09
CA GLU A 344 1.48 22.95 -20.51
C GLU A 344 2.77 22.30 -20.98
N ALA A 345 2.66 21.46 -22.00
CA ALA A 345 3.84 20.78 -22.53
C ALA A 345 4.71 21.78 -23.28
N PRO A 346 6.04 21.72 -23.11
CA PRO A 346 6.92 22.71 -23.75
C PRO A 346 7.21 22.42 -25.22
N GLU A 347 6.87 21.23 -25.71
CA GLU A 347 7.21 20.84 -27.07
C GLU A 347 6.37 19.63 -27.43
N ASP A 348 6.33 19.33 -28.73
CA ASP A 348 5.73 18.09 -29.22
C ASP A 348 6.56 16.89 -28.80
N GLY A 349 5.91 15.74 -28.69
CA GLY A 349 6.69 14.53 -28.44
C GLY A 349 5.82 13.40 -27.92
N TYR A 350 6.49 12.50 -27.20
CA TYR A 350 5.88 11.31 -26.59
C TYR A 350 6.41 11.19 -25.18
N VAL A 351 5.53 10.89 -24.23
CA VAL A 351 5.99 10.76 -22.85
C VAL A 351 6.84 9.50 -22.73
N ALA A 352 8.11 9.68 -22.39
CA ALA A 352 9.05 8.58 -22.19
C ALA A 352 9.25 8.21 -20.72
N GLU A 353 9.14 9.19 -19.82
CA GLU A 353 9.22 8.90 -18.40
C GLU A 353 8.42 9.93 -17.63
N ILE A 354 7.83 9.47 -16.52
CA ILE A 354 7.31 10.36 -15.48
C ILE A 354 8.01 9.94 -14.18
N VAL A 355 8.88 10.79 -13.66
CA VAL A 355 9.71 10.43 -12.52
C VAL A 355 8.83 10.40 -11.26
N ALA A 356 8.47 9.19 -10.82
CA ALA A 356 7.44 9.03 -9.81
C ALA A 356 7.81 9.74 -8.51
N ASP A 357 9.05 9.56 -8.05
CA ASP A 357 9.49 10.16 -6.79
C ASP A 357 9.28 11.67 -6.80
N GLU A 358 9.53 12.31 -7.94
CA GLU A 358 9.42 13.76 -8.04
C GLU A 358 7.98 14.22 -8.11
N VAL A 359 7.10 13.43 -8.73
CA VAL A 359 5.66 13.75 -8.64
C VAL A 359 5.21 13.64 -7.20
N GLY A 360 5.68 12.62 -6.49
CA GLY A 360 5.36 12.51 -5.07
C GLY A 360 5.83 13.71 -4.28
N THR A 361 7.07 14.15 -4.52
CA THR A 361 7.58 15.34 -3.86
C THR A 361 6.73 16.57 -4.18
N ALA A 362 6.29 16.70 -5.43
CA ALA A 362 5.45 17.85 -5.79
C ALA A 362 4.14 17.83 -5.02
N ALA A 363 3.49 16.67 -4.97
CA ALA A 363 2.27 16.55 -4.18
C ALA A 363 2.54 16.90 -2.71
N MET A 364 3.66 16.45 -2.15
CA MET A 364 4.01 16.81 -0.78
C MET A 364 4.18 18.32 -0.63
N LEU A 365 4.84 18.96 -1.57
CA LEU A 365 5.02 20.40 -1.49
C LEU A 365 3.69 21.13 -1.49
N LEU A 366 2.70 20.62 -2.22
CA LEU A 366 1.36 21.21 -2.17
C LEU A 366 0.66 20.98 -0.84
N GLY A 367 1.13 20.05 -0.03
CA GLY A 367 0.51 19.77 1.25
C GLY A 367 -0.37 18.53 1.28
N ALA A 368 -0.22 17.62 0.32
CA ALA A 368 -1.07 16.43 0.28
C ALA A 368 -0.66 15.35 1.29
N GLY A 369 0.46 15.50 1.98
CA GLY A 369 0.96 14.48 2.87
C GLY A 369 1.28 15.02 4.25
N ARG A 370 1.53 14.09 5.16
CA ARG A 370 1.85 14.40 6.54
C ARG A 370 3.35 14.25 6.76
N ALA A 371 3.92 15.14 7.57
CA ALA A 371 5.35 15.14 7.88
C ALA A 371 5.64 15.03 9.37
N THR A 372 4.87 15.70 10.22
CA THR A 372 4.91 15.52 11.66
C THR A 372 3.83 14.51 12.07
N LYS A 373 4.13 13.74 13.11
CA LYS A 373 3.25 12.67 13.57
C LYS A 373 1.78 13.02 13.39
N GLU A 374 1.37 14.19 13.86
CA GLU A 374 0.03 14.70 13.66
C GLU A 374 0.17 16.09 13.02
N ALA A 375 -0.06 16.14 11.72
CA ALA A 375 -0.34 17.37 10.99
C ALA A 375 -1.77 17.30 10.50
N THR A 376 -2.42 18.46 10.35
CA THR A 376 -3.71 18.52 9.68
C THR A 376 -3.44 18.73 8.18
N ILE A 377 -4.10 17.93 7.35
CA ILE A 377 -3.86 17.90 5.92
C ILE A 377 -5.05 18.54 5.21
N ASP A 378 -4.77 19.42 4.24
CA ASP A 378 -5.79 19.92 3.34
C ASP A 378 -6.10 18.83 2.31
N LEU A 379 -7.23 18.16 2.47
CA LEU A 379 -7.57 17.03 1.60
C LEU A 379 -7.91 17.43 0.18
N SER A 380 -7.99 18.73 -0.13
CA SER A 380 -8.42 19.13 -1.46
C SER A 380 -7.28 19.16 -2.48
N VAL A 381 -6.03 19.22 -2.04
CA VAL A 381 -4.94 19.59 -2.93
C VAL A 381 -4.29 18.34 -3.51
N GLY A 382 -3.47 18.56 -4.54
CA GLY A 382 -2.76 17.47 -5.18
C GLY A 382 -2.66 17.70 -6.68
N LEU A 383 -2.61 16.63 -7.46
CA LEU A 383 -2.43 16.80 -8.90
C LEU A 383 -3.14 15.70 -9.65
N VAL A 384 -3.50 15.99 -10.89
CA VAL A 384 -4.06 14.98 -11.81
C VAL A 384 -3.24 14.99 -13.10
N LEU A 385 -2.42 13.96 -13.28
CA LEU A 385 -1.71 13.77 -14.53
C LEU A 385 -2.70 13.52 -15.67
N HIS A 386 -2.40 14.04 -16.86
CA HIS A 386 -3.22 13.77 -18.03
C HIS A 386 -2.49 12.99 -19.12
N LYS A 387 -1.20 12.77 -18.99
CA LYS A 387 -0.43 11.99 -19.95
C LYS A 387 0.37 10.95 -19.19
N LYS A 388 0.36 9.72 -19.68
CA LYS A 388 1.19 8.66 -19.11
C LYS A 388 2.20 8.21 -20.15
N VAL A 389 3.15 7.39 -19.71
CA VAL A 389 4.23 6.95 -20.58
C VAL A 389 3.63 6.25 -21.80
N GLY A 390 4.12 6.63 -22.99
CA GLY A 390 3.60 6.13 -24.24
C GLY A 390 2.63 7.06 -24.94
N ASP A 391 2.06 8.03 -24.24
CA ASP A 391 1.09 8.94 -24.84
C ASP A 391 1.77 9.98 -25.73
N ALA A 392 1.08 10.36 -26.80
CA ALA A 392 1.53 11.46 -27.65
C ALA A 392 1.14 12.78 -27.02
N VAL A 393 2.00 13.79 -27.16
CA VAL A 393 1.73 15.10 -26.60
C VAL A 393 2.01 16.18 -27.65
N LYS A 394 1.18 17.22 -27.64
CA LYS A 394 1.35 18.41 -28.47
C LYS A 394 1.78 19.57 -27.58
N LYS A 395 2.67 20.41 -28.10
CA LYS A 395 3.05 21.63 -27.41
C LYS A 395 1.81 22.41 -27.00
N GLY A 396 1.78 22.84 -25.73
CA GLY A 396 0.67 23.59 -25.19
C GLY A 396 -0.41 22.76 -24.55
N GLU A 397 -0.40 21.45 -24.76
CA GLU A 397 -1.37 20.55 -24.14
C GLU A 397 -1.07 20.42 -22.65
N SER A 398 -2.13 20.25 -21.85
CA SER A 398 -1.95 20.14 -20.41
C SER A 398 -1.37 18.76 -20.06
N LEU A 399 -0.18 18.74 -19.46
CA LEU A 399 0.40 17.51 -18.98
C LEU A 399 -0.18 17.10 -17.62
N VAL A 400 -0.58 18.07 -16.80
CA VAL A 400 -1.06 17.79 -15.44
C VAL A 400 -1.80 19.02 -14.95
N THR A 401 -2.85 18.79 -14.17
CA THR A 401 -3.54 19.87 -13.47
C THR A 401 -3.08 19.89 -12.02
N ILE A 402 -2.69 21.09 -11.55
CA ILE A 402 -2.22 21.28 -10.18
C ILE A 402 -3.35 21.92 -9.38
N TYR A 403 -3.74 21.26 -8.29
CA TYR A 403 -4.78 21.70 -7.36
C TYR A 403 -4.11 22.21 -6.09
N SER A 404 -4.29 23.49 -5.78
CA SER A 404 -3.59 24.11 -4.67
C SER A 404 -4.51 24.99 -3.85
N ASN A 405 -4.09 25.26 -2.60
CA ASN A 405 -4.83 26.17 -1.72
C ASN A 405 -4.29 27.59 -1.73
N THR A 406 -3.21 27.85 -2.45
CA THR A 406 -2.75 29.20 -2.76
C THR A 406 -2.26 29.21 -4.20
N GLU A 407 -1.98 30.40 -4.72
CA GLU A 407 -1.39 30.50 -6.05
C GLU A 407 0.15 30.51 -6.04
N ASN A 408 0.78 30.36 -4.88
CA ASN A 408 2.24 30.42 -4.78
C ASN A 408 2.81 29.01 -4.96
N ILE A 409 2.85 28.56 -6.21
CA ILE A 409 3.26 27.18 -6.51
C ILE A 409 4.33 27.09 -7.59
N GLU A 410 5.16 28.11 -7.71
CA GLU A 410 6.20 28.09 -8.73
C GLU A 410 7.13 26.88 -8.58
N GLU A 411 7.43 26.50 -7.34
CA GLU A 411 8.33 25.37 -7.10
C GLU A 411 7.69 24.05 -7.52
N VAL A 412 6.38 23.93 -7.30
CA VAL A 412 5.63 22.76 -7.75
C VAL A 412 5.64 22.68 -9.28
N LYS A 413 5.35 23.80 -9.94
CA LYS A 413 5.37 23.83 -11.40
C LYS A 413 6.72 23.36 -11.93
N GLN A 414 7.81 23.89 -11.36
CA GLN A 414 9.14 23.55 -11.87
C GLN A 414 9.46 22.08 -11.64
N LYS A 415 9.16 21.55 -10.46
CA LYS A 415 9.42 20.14 -10.19
C LYS A 415 8.61 19.23 -11.13
N LEU A 416 7.33 19.55 -11.33
CA LEU A 416 6.52 18.71 -12.22
C LEU A 416 6.99 18.81 -13.68
N ALA A 417 7.33 20.02 -14.12
CA ALA A 417 7.81 20.17 -15.49
C ALA A 417 9.06 19.35 -15.72
N LYS A 418 9.97 19.33 -14.75
CA LYS A 418 11.19 18.56 -14.89
C LYS A 418 10.95 17.06 -14.77
N SER A 419 9.87 16.65 -14.10
CA SER A 419 9.63 15.22 -13.90
C SER A 419 9.01 14.52 -15.11
N ILE A 420 8.47 15.25 -16.09
CA ILE A 420 7.80 14.67 -17.23
C ILE A 420 8.73 14.78 -18.43
N ARG A 421 9.27 13.64 -18.84
CA ARG A 421 10.33 13.57 -19.83
C ARG A 421 9.74 13.15 -21.17
N LEU A 422 10.06 13.90 -22.21
CA LEU A 422 9.54 13.66 -23.54
C LEU A 422 10.65 13.15 -24.44
N SER A 423 10.30 12.23 -25.33
CA SER A 423 11.15 11.80 -26.42
C SER A 423 10.51 12.29 -27.71
N SER A 424 11.36 12.52 -28.72
CA SER A 424 10.83 12.98 -30.00
C SER A 424 10.23 11.86 -30.84
N ILE A 425 10.51 10.60 -30.50
CA ILE A 425 9.97 9.47 -31.26
C ILE A 425 9.13 8.62 -30.32
N PRO A 426 8.26 7.77 -30.87
CA PRO A 426 7.29 7.05 -30.03
C PRO A 426 7.95 6.11 -29.03
N VAL A 427 7.25 5.89 -27.91
CA VAL A 427 7.74 5.08 -26.79
C VAL A 427 6.71 4.02 -26.49
N ALA A 428 7.18 2.84 -26.09
CA ALA A 428 6.26 1.74 -25.76
C ALA A 428 5.72 1.89 -24.36
N LYS A 429 4.53 1.37 -24.13
CA LYS A 429 3.98 1.28 -22.78
C LYS A 429 4.84 0.32 -21.97
N PRO A 430 5.13 0.62 -20.71
CA PRO A 430 5.86 -0.35 -19.88
C PRO A 430 4.94 -1.50 -19.50
N THR A 431 5.54 -2.59 -19.09
CA THR A 431 4.77 -3.72 -18.59
C THR A 431 4.25 -3.40 -17.20
N LEU A 432 2.96 -3.63 -16.97
CA LEU A 432 2.37 -3.33 -15.68
C LEU A 432 2.54 -4.50 -14.70
N ILE A 433 2.15 -5.69 -15.12
CA ILE A 433 2.19 -6.89 -14.29
C ILE A 433 3.36 -7.73 -14.78
N TYR A 434 4.40 -7.86 -13.97
CA TYR A 434 5.58 -8.57 -14.41
C TYR A 434 5.44 -10.08 -14.25
N GLU A 435 4.96 -10.52 -13.09
CA GLU A 435 5.01 -11.93 -12.75
C GLU A 435 4.32 -12.12 -11.40
N THR A 436 3.85 -13.35 -11.18
CA THR A 436 3.24 -13.73 -9.92
C THR A 436 4.09 -14.83 -9.27
N ILE A 437 4.39 -14.64 -7.99
CA ILE A 437 5.18 -15.56 -7.20
C ILE A 437 4.25 -16.23 -6.20
N SER A 438 4.25 -17.56 -6.21
CA SER A 438 3.44 -18.31 -5.27
C SER A 438 4.05 -19.67 -4.95
#